data_5OCK
#
_entry.id   5OCK
#
_cell.length_a   39.296
_cell.length_b   101.048
_cell.length_c   52.109
_cell.angle_alpha   90.00
_cell.angle_beta   101.03
_cell.angle_gamma   90.00
#
_symmetry.space_group_name_H-M   'P 1 21 1'
#
loop_
_entity.id
_entity.type
_entity.pdbx_description
1 polymer 'Human ACPA E4 Fab fragment - Light chain'
2 polymer 'Human ACPA E4 Fab fragment - Heavy chain'
3 polymer 'CEP1 peptide (from enolase)'
4 water water
#
loop_
_entity_poly.entity_id
_entity_poly.type
_entity_poly.pdbx_seq_one_letter_code
_entity_poly.pdbx_strand_id
1 'polypeptide(L)'
;(PCA)SVWTQPPSVSAAPGQKVTISCSGDDSILRSAFVSWYQQVPGSAPKLVIFDDRQRPSGIPARFSGSNSGTTATLDI
AGLQRGDEADYYCAAWNGRLSAFVFGSGTKLEIKRADAAPTVSIFPPSSEQLTSGGASVVCFLNNFYPKDINVKWKIDGS
ERQNGVLNSWTDQDSKDSTYSMSSTLTLTKDEYERHNSYTCEATHKTSTSPIVKSFNRNEC
;
L
2 'polypeptide(L)'
;(PCA)VQLEESGPGLVRPSETLSLSCTVSGFPMSESYFWGWIRQSPGKGLEWLGSVIHTGTTYYRPSLESRLTIAMDPSK
NQVSLSLTSVTVADSAMYYCVRIRGGSSNWLDPWGPGIVVTASSAKTTPPSVYPLAPGCGDTTGSSVTLGCLVKGYFPES
VTVTWNSGSLSSSVHTFPALLQSGLYTMSSSVTVPSSTWPSQTVTCSVAHPASSTTVDKKIEPRP
;
H
3 'polypeptide(L)' (ACA)CKIHA(CIR)EIFDS(CIR)GNPTVECK A
#
# COMPACT_ATOMS: atom_id res chain seq x y z
N PCA A 1 -13.63 -14.11 18.69
CA PCA A 1 -12.38 -13.34 18.67
CB PCA A 1 -11.44 -14.19 17.79
CG PCA A 1 -12.39 -15.11 17.02
CD PCA A 1 -13.66 -15.12 17.82
OE PCA A 1 -14.62 -15.88 17.68
C PCA A 1 -12.58 -11.95 18.08
O PCA A 1 -13.53 -11.73 17.32
N SER A 2 -11.65 -11.06 18.40
CA SER A 2 -11.72 -9.69 17.94
CA SER A 2 -11.68 -9.68 17.96
C SER A 2 -11.12 -9.53 16.53
N VAL A 3 -10.51 -10.61 16.01
CA VAL A 3 -10.00 -10.70 14.64
C VAL A 3 -10.22 -12.15 14.19
N TRP A 4 -10.74 -12.36 13.00
CA TRP A 4 -10.91 -13.74 12.50
C TRP A 4 -9.57 -14.29 12.02
N THR A 5 -9.40 -15.61 12.15
CA THR A 5 -8.14 -16.28 11.80
C THR A 5 -8.07 -16.60 10.31
N GLN A 6 -7.03 -16.11 9.64
CA GLN A 6 -6.76 -16.43 8.23
C GLN A 6 -5.29 -16.86 8.10
N PRO A 7 -4.99 -17.71 7.11
CA PRO A 7 -3.58 -18.00 6.81
C PRO A 7 -2.85 -16.74 6.29
N PRO A 8 -1.56 -16.57 6.63
CA PRO A 8 -0.86 -15.38 6.14
C PRO A 8 -0.72 -15.29 4.63
N SER A 9 -0.51 -16.42 3.95
CA SER A 9 -0.30 -16.38 2.50
C SER A 9 -0.78 -17.62 1.78
N VAL A 10 -1.08 -17.44 0.50
CA VAL A 10 -1.35 -18.52 -0.43
C VAL A 10 -0.69 -18.13 -1.76
N SER A 11 -0.42 -19.14 -2.58
CA SER A 11 0.36 -18.96 -3.80
C SER A 11 -0.04 -20.00 -4.83
N ALA A 12 -0.23 -19.58 -6.07
CA ALA A 12 -0.52 -20.52 -7.15
C ALA A 12 -0.27 -19.89 -8.49
N ALA A 13 -0.20 -20.72 -9.53
CA ALA A 13 0.03 -20.22 -10.89
C ALA A 13 -1.26 -19.75 -11.55
N PRO A 14 -1.14 -18.93 -12.62
CA PRO A 14 -2.32 -18.57 -13.39
C PRO A 14 -3.08 -19.80 -13.91
N GLY A 15 -4.41 -19.71 -13.84
CA GLY A 15 -5.28 -20.82 -14.22
C GLY A 15 -5.65 -21.78 -13.11
N GLN A 16 -4.90 -21.74 -12.00
CA GLN A 16 -5.13 -22.64 -10.87
C GLN A 16 -6.15 -22.02 -9.90
N LYS A 17 -6.45 -22.75 -8.82
CA LYS A 17 -7.42 -22.33 -7.83
C LYS A 17 -6.78 -22.25 -6.46
N VAL A 18 -7.16 -21.26 -5.68
CA VAL A 18 -6.78 -21.21 -4.27
C VAL A 18 -8.03 -21.11 -3.40
N THR A 19 -7.92 -21.58 -2.17
CA THR A 19 -8.98 -21.37 -1.19
C THR A 19 -8.36 -20.69 0.03
N ILE A 20 -9.08 -19.69 0.55
CA ILE A 20 -8.61 -18.91 1.69
C ILE A 20 -9.64 -19.08 2.82
N SER A 21 -9.19 -19.46 4.01
CA SER A 21 -10.12 -19.71 5.12
C SER A 21 -10.18 -18.53 6.11
N CYS A 22 -11.26 -18.52 6.85
CA CYS A 22 -11.59 -17.45 7.80
C CYS A 22 -12.33 -18.12 8.97
N SER A 23 -11.69 -18.21 10.15
CA SER A 23 -12.22 -18.93 11.31
C SER A 23 -12.43 -18.09 12.55
N GLY A 24 -13.46 -18.45 13.31
CA GLY A 24 -13.69 -17.89 14.64
C GLY A 24 -13.84 -19.01 15.68
N ASP A 25 -14.14 -18.60 16.91
CA ASP A 25 -14.44 -19.52 18.01
C ASP A 25 -15.70 -20.35 17.70
N ASP A 26 -15.60 -21.64 18.01
CA ASP A 26 -16.65 -22.64 17.79
C ASP A 26 -17.49 -22.36 16.54
N SER A 27 -18.80 -22.10 16.67
CA SER A 27 -19.67 -21.83 15.53
CA SER A 27 -19.71 -21.84 15.55
C SER A 27 -20.23 -20.39 15.54
N ILE A 28 -19.36 -19.45 15.90
CA ILE A 28 -19.74 -18.03 15.96
C ILE A 28 -20.19 -17.44 14.60
N LEU A 29 -19.78 -18.03 13.48
CA LEU A 29 -20.16 -17.56 12.13
C LEU A 29 -21.46 -18.18 11.63
N ARG A 30 -22.02 -19.10 12.41
CA ARG A 30 -23.28 -19.81 12.06
C ARG A 30 -24.45 -18.89 11.69
N SER A 31 -24.71 -17.87 12.52
CA SER A 31 -25.82 -16.96 12.26
C SER A 31 -25.33 -15.56 11.88
N ALA A 32 -24.17 -15.48 11.21
CA ALA A 32 -23.65 -14.21 10.71
C ALA A 32 -23.37 -14.34 9.22
N PHE A 33 -23.53 -13.26 8.48
CA PHE A 33 -23.17 -13.26 7.07
C PHE A 33 -21.74 -12.72 6.91
N VAL A 34 -20.93 -13.49 6.21
CA VAL A 34 -19.54 -13.16 5.98
C VAL A 34 -19.36 -12.43 4.64
N SER A 35 -18.49 -11.42 4.62
CA SER A 35 -18.12 -10.74 3.38
C SER A 35 -16.59 -10.83 3.20
N TRP A 36 -16.16 -10.68 1.96
CA TRP A 36 -14.76 -10.71 1.57
C TRP A 36 -14.37 -9.48 0.74
N TYR A 37 -13.15 -9.01 0.98
CA TYR A 37 -12.58 -7.79 0.41
C TYR A 37 -11.23 -8.10 -0.25
N GLN A 38 -11.08 -7.62 -1.48
CA GLN A 38 -9.79 -7.63 -2.20
C GLN A 38 -9.10 -6.28 -2.09
N GLN A 39 -7.88 -6.28 -1.57
CA GLN A 39 -7.10 -5.04 -1.50
C GLN A 39 -5.80 -5.16 -2.30
N VAL A 40 -5.78 -4.53 -3.47
CA VAL A 40 -4.57 -4.47 -4.27
C VAL A 40 -3.70 -3.41 -3.62
N PRO A 41 -2.40 -3.69 -3.39
CA PRO A 41 -1.58 -2.67 -2.75
C PRO A 41 -1.65 -1.31 -3.43
N GLY A 42 -1.80 -0.26 -2.62
CA GLY A 42 -1.97 1.11 -3.09
C GLY A 42 -3.39 1.57 -3.33
N SER A 43 -4.36 0.66 -3.16
CA SER A 43 -5.77 0.97 -3.32
C SER A 43 -6.60 0.60 -2.09
N ALA A 44 -7.81 1.17 -2.04
CA ALA A 44 -8.79 0.80 -1.03
C ALA A 44 -9.30 -0.64 -1.27
N PRO A 45 -9.72 -1.32 -0.20
CA PRO A 45 -10.42 -2.61 -0.33
C PRO A 45 -11.66 -2.51 -1.22
N LYS A 46 -11.98 -3.64 -1.87
CA LYS A 46 -13.09 -3.75 -2.78
C LYS A 46 -13.89 -4.97 -2.35
N LEU A 47 -15.20 -4.81 -2.18
CA LEU A 47 -16.09 -5.95 -1.92
C LEU A 47 -16.14 -6.97 -3.08
N VAL A 48 -15.83 -8.24 -2.78
CA VAL A 48 -15.93 -9.33 -3.79
C VAL A 48 -16.99 -10.40 -3.51
N ILE A 49 -17.29 -10.66 -2.23
CA ILE A 49 -18.37 -11.58 -1.84
C ILE A 49 -19.12 -10.95 -0.66
N PHE A 50 -20.44 -11.12 -0.62
CA PHE A 50 -21.24 -10.67 0.50
C PHE A 50 -22.31 -11.71 0.81
N ASP A 51 -22.90 -11.60 1.99
CA ASP A 51 -23.91 -12.62 2.45
C ASP A 51 -23.44 -14.08 2.24
N ASP A 52 -22.20 -14.35 2.67
CA ASP A 52 -21.50 -15.64 2.56
C ASP A 52 -21.06 -16.05 1.15
N ARG A 53 -21.96 -15.90 0.17
CA ARG A 53 -21.77 -16.53 -1.14
C ARG A 53 -22.23 -15.73 -2.38
N GLN A 54 -22.66 -14.49 -2.20
CA GLN A 54 -23.19 -13.67 -3.29
C GLN A 54 -22.12 -12.77 -3.86
N ARG A 55 -22.18 -12.48 -5.17
CA ARG A 55 -21.20 -11.60 -5.81
C ARG A 55 -21.85 -10.30 -6.22
N PRO A 56 -21.21 -9.17 -5.92
CA PRO A 56 -21.65 -7.93 -6.51
C PRO A 56 -21.61 -7.92 -8.04
N SER A 57 -22.41 -7.05 -8.64
CA SER A 57 -22.37 -6.88 -10.09
C SER A 57 -20.95 -6.50 -10.49
N GLY A 58 -20.44 -7.13 -11.54
CA GLY A 58 -19.08 -6.86 -12.00
C GLY A 58 -18.01 -7.81 -11.52
N ILE A 59 -18.25 -8.53 -10.42
CA ILE A 59 -17.32 -9.51 -9.90
C ILE A 59 -17.52 -10.84 -10.63
N PRO A 60 -16.45 -11.41 -11.18
CA PRO A 60 -16.60 -12.67 -11.96
C PRO A 60 -16.91 -13.92 -11.12
N ALA A 61 -17.56 -14.90 -11.76
CA ALA A 61 -18.04 -16.10 -11.08
C ALA A 61 -16.92 -17.00 -10.52
N ARG A 62 -15.69 -16.78 -10.94
CA ARG A 62 -14.55 -17.52 -10.38
C ARG A 62 -14.17 -17.17 -8.93
N PHE A 63 -14.72 -16.08 -8.40
CA PHE A 63 -14.76 -15.85 -6.97
C PHE A 63 -16.00 -16.49 -6.37
N SER A 64 -15.83 -17.32 -5.34
CA SER A 64 -16.98 -17.93 -4.69
C SER A 64 -16.73 -18.03 -3.20
N GLY A 65 -17.81 -18.18 -2.44
CA GLY A 65 -17.69 -18.22 -0.99
C GLY A 65 -18.57 -19.29 -0.37
N SER A 66 -18.21 -19.70 0.83
CA SER A 66 -19.02 -20.60 1.65
C SER A 66 -18.85 -20.24 3.12
N ASN A 67 -19.78 -20.70 3.94
CA ASN A 67 -19.75 -20.51 5.39
C ASN A 67 -20.37 -21.75 6.05
N SER A 68 -19.51 -22.55 6.68
CA SER A 68 -19.96 -23.78 7.33
CA SER A 68 -19.90 -23.79 7.36
C SER A 68 -20.44 -23.55 8.75
N GLY A 69 -20.21 -22.34 9.28
CA GLY A 69 -20.60 -21.98 10.64
C GLY A 69 -19.41 -21.88 11.55
N THR A 70 -18.46 -22.81 11.38
CA THR A 70 -17.16 -22.78 12.05
C THR A 70 -16.11 -22.00 11.24
N THR A 71 -16.17 -22.18 9.92
CA THR A 71 -15.18 -21.60 9.03
CA THR A 71 -15.17 -21.66 8.99
C THR A 71 -15.85 -21.12 7.74
N ALA A 72 -15.41 -19.95 7.26
CA ALA A 72 -15.87 -19.42 5.97
C ALA A 72 -14.70 -19.50 5.02
N THR A 73 -14.99 -19.68 3.74
CA THR A 73 -13.94 -19.87 2.72
CA THR A 73 -13.91 -19.80 2.74
C THR A 73 -14.19 -18.94 1.53
N LEU A 74 -13.12 -18.35 0.98
CA LEU A 74 -13.16 -17.70 -0.32
C LEU A 74 -12.36 -18.59 -1.29
N ASP A 75 -13.00 -18.99 -2.38
CA ASP A 75 -12.35 -19.69 -3.48
C ASP A 75 -12.10 -18.71 -4.62
N ILE A 76 -10.88 -18.73 -5.15
CA ILE A 76 -10.56 -17.97 -6.33
C ILE A 76 -10.06 -18.97 -7.36
N ALA A 77 -10.83 -19.17 -8.42
CA ALA A 77 -10.44 -20.10 -9.50
C ALA A 77 -9.94 -19.35 -10.72
N GLY A 78 -9.28 -20.10 -11.61
CA GLY A 78 -8.80 -19.56 -12.89
C GLY A 78 -7.97 -18.31 -12.65
N LEU A 79 -7.04 -18.43 -11.72
CA LEU A 79 -6.25 -17.26 -11.28
C LEU A 79 -5.67 -16.46 -12.45
N GLN A 80 -5.69 -15.15 -12.30
CA GLN A 80 -5.09 -14.24 -13.27
C GLN A 80 -4.09 -13.35 -12.55
N ARG A 81 -3.15 -12.78 -13.30
CA ARG A 81 -2.04 -12.04 -12.68
C ARG A 81 -2.55 -10.83 -11.88
N GLY A 82 -3.60 -10.17 -12.36
CA GLY A 82 -4.27 -9.10 -11.62
C GLY A 82 -4.99 -9.48 -10.31
N ASP A 83 -5.07 -10.76 -9.97
CA ASP A 83 -5.67 -11.20 -8.69
C ASP A 83 -4.72 -11.04 -7.50
N GLU A 84 -3.45 -10.70 -7.74
CA GLU A 84 -2.53 -10.51 -6.63
C GLU A 84 -3.04 -9.37 -5.76
N ALA A 85 -3.06 -9.62 -4.46
CA ALA A 85 -3.76 -8.74 -3.52
C ALA A 85 -3.74 -9.35 -2.13
N ASP A 86 -4.10 -8.55 -1.13
CA ASP A 86 -4.44 -9.03 0.19
C ASP A 86 -5.94 -9.22 0.26
N TYR A 87 -6.40 -10.35 0.79
CA TYR A 87 -7.83 -10.68 0.93
C TYR A 87 -8.25 -10.77 2.40
N TYR A 88 -9.36 -10.13 2.75
CA TYR A 88 -9.84 -10.04 4.15
C TYR A 88 -11.27 -10.52 4.20
N CYS A 89 -11.59 -11.37 5.17
CA CYS A 89 -12.98 -11.71 5.49
C CYS A 89 -13.51 -10.74 6.54
N ALA A 90 -14.82 -10.67 6.71
CA ALA A 90 -15.37 -9.82 7.77
C ALA A 90 -16.75 -10.33 8.12
N ALA A 91 -17.20 -10.02 9.33
CA ALA A 91 -18.53 -10.42 9.81
C ALA A 91 -18.79 -9.79 11.17
N TRP A 92 -20.05 -9.54 11.47
CA TRP A 92 -20.43 -9.12 12.83
C TRP A 92 -20.14 -10.23 13.84
N ASN A 93 -19.61 -9.85 14.99
CA ASN A 93 -19.38 -10.78 16.11
C ASN A 93 -20.40 -10.41 17.20
N GLY A 94 -21.44 -11.24 17.31
CA GLY A 94 -22.53 -11.00 18.27
C GLY A 94 -22.13 -11.12 19.71
N ARG A 95 -21.10 -11.91 20.01
CA ARG A 95 -20.60 -12.07 21.39
C ARG A 95 -19.88 -10.83 21.91
N LEU A 96 -19.30 -10.09 20.99
CA LEU A 96 -18.61 -8.83 21.30
C LEU A 96 -19.41 -7.58 20.96
N SER A 97 -20.47 -7.72 20.16
CA SER A 97 -21.25 -6.61 19.64
CA SER A 97 -21.25 -6.60 19.65
C SER A 97 -20.33 -5.62 18.91
N ALA A 98 -19.62 -6.13 17.91
CA ALA A 98 -18.65 -5.36 17.12
C ALA A 98 -18.42 -6.07 15.78
N PHE A 99 -18.10 -5.28 14.78
CA PHE A 99 -17.81 -5.77 13.43
C PHE A 99 -16.33 -6.14 13.40
N VAL A 100 -16.03 -7.33 12.91
CA VAL A 100 -14.69 -7.93 13.01
C VAL A 100 -14.16 -8.25 11.61
N PHE A 101 -12.88 -7.92 11.37
CA PHE A 101 -12.16 -8.36 10.14
C PHE A 101 -11.26 -9.56 10.44
N GLY A 102 -10.98 -10.31 9.39
CA GLY A 102 -9.93 -11.31 9.44
C GLY A 102 -8.54 -10.68 9.39
N SER A 103 -7.52 -11.47 9.67
CA SER A 103 -6.13 -10.98 9.76
C SER A 103 -5.50 -10.75 8.40
N GLY A 104 -6.14 -11.25 7.35
CA GLY A 104 -5.73 -10.98 5.97
C GLY A 104 -4.82 -12.09 5.38
N THR A 105 -4.98 -12.35 4.10
CA THR A 105 -4.17 -13.36 3.41
C THR A 105 -3.61 -12.72 2.14
N LYS A 106 -2.28 -12.79 1.96
CA LYS A 106 -1.65 -12.28 0.77
C LYS A 106 -1.65 -13.38 -0.28
N LEU A 107 -2.15 -13.06 -1.48
CA LEU A 107 -2.08 -13.97 -2.62
C LEU A 107 -0.89 -13.60 -3.52
N GLU A 108 0.03 -14.54 -3.70
CA GLU A 108 1.15 -14.43 -4.65
C GLU A 108 0.83 -15.28 -5.87
N ILE A 109 0.99 -14.67 -7.03
CA ILE A 109 0.82 -15.36 -8.30
C ILE A 109 2.20 -15.83 -8.75
N LYS A 110 2.30 -17.12 -9.07
CA LYS A 110 3.55 -17.71 -9.57
C LYS A 110 3.82 -17.37 -11.02
N ARG A 111 5.10 -17.36 -11.36
CA ARG A 111 5.57 -17.21 -12.74
C ARG A 111 6.93 -17.89 -12.88
N ALA A 112 7.46 -17.95 -14.10
CA ALA A 112 8.81 -18.48 -14.33
C ALA A 112 9.83 -17.58 -13.62
N ASP A 113 10.88 -18.20 -13.10
CA ASP A 113 12.00 -17.44 -12.51
C ASP A 113 12.54 -16.40 -13.51
N ALA A 114 12.89 -15.22 -12.99
CA ALA A 114 13.41 -14.11 -13.81
C ALA A 114 14.52 -13.40 -13.07
N ALA A 115 15.63 -13.20 -13.77
CA ALA A 115 16.79 -12.52 -13.21
C ALA A 115 16.54 -11.02 -13.20
N PRO A 116 17.12 -10.32 -12.22
CA PRO A 116 16.94 -8.85 -12.18
C PRO A 116 17.73 -8.09 -13.26
N THR A 117 17.16 -6.96 -13.67
CA THR A 117 17.85 -5.96 -14.46
C THR A 117 18.44 -5.01 -13.44
N VAL A 118 19.76 -4.91 -13.43
CA VAL A 118 20.49 -4.21 -12.40
C VAL A 118 21.11 -2.94 -12.95
N SER A 119 20.90 -1.82 -12.25
N SER A 119 20.91 -1.82 -12.26
CA SER A 119 21.46 -0.50 -12.64
CA SER A 119 21.57 -0.57 -12.61
C SER A 119 22.03 0.24 -11.42
C SER A 119 22.12 0.10 -11.37
N ILE A 120 23.24 0.80 -11.55
CA ILE A 120 23.92 1.53 -10.45
C ILE A 120 24.05 3.02 -10.80
N PHE A 121 23.97 3.86 -9.76
CA PHE A 121 23.98 5.32 -9.90
C PHE A 121 24.86 5.98 -8.86
N PRO A 122 25.87 6.73 -9.31
CA PRO A 122 26.61 7.55 -8.35
C PRO A 122 25.74 8.64 -7.69
N PRO A 123 26.18 9.16 -6.54
CA PRO A 123 25.55 10.33 -5.94
C PRO A 123 25.51 11.52 -6.92
N SER A 124 24.45 12.31 -6.86
CA SER A 124 24.39 13.56 -7.62
C SER A 124 25.28 14.58 -6.94
N SER A 125 25.84 15.47 -7.75
CA SER A 125 26.65 16.58 -7.24
C SER A 125 25.82 17.39 -6.21
N GLU A 126 24.54 17.57 -6.50
CA GLU A 126 23.63 18.30 -5.60
C GLU A 126 23.55 17.65 -4.21
N GLN A 127 23.43 16.33 -4.16
CA GLN A 127 23.41 15.67 -2.85
C GLN A 127 24.71 15.89 -2.09
N LEU A 128 25.84 15.76 -2.77
CA LEU A 128 27.14 15.90 -2.10
C LEU A 128 27.25 17.24 -1.32
N THR A 129 26.56 18.29 -1.78
CA THR A 129 26.55 19.57 -1.05
C THR A 129 25.97 19.47 0.37
N SER A 130 25.02 18.55 0.59
CA SER A 130 24.47 18.25 1.92
C SER A 130 25.48 17.63 2.91
N GLY A 131 26.62 17.14 2.42
CA GLY A 131 27.54 16.35 3.24
C GLY A 131 27.27 14.85 3.22
N GLY A 132 26.18 14.42 2.60
CA GLY A 132 25.88 12.99 2.44
C GLY A 132 26.01 12.49 1.03
N ALA A 133 26.20 11.18 0.88
CA ALA A 133 26.34 10.59 -0.44
C ALA A 133 25.67 9.22 -0.49
N SER A 134 24.63 9.11 -1.32
CA SER A 134 23.88 7.86 -1.46
C SER A 134 24.23 7.29 -2.83
N VAL A 135 24.68 6.05 -2.84
CA VAL A 135 24.91 5.31 -4.07
C VAL A 135 23.70 4.36 -4.18
N VAL A 136 23.07 4.34 -5.35
CA VAL A 136 21.81 3.63 -5.51
C VAL A 136 21.94 2.53 -6.54
N CYS A 137 21.32 1.39 -6.25
CA CYS A 137 21.23 0.27 -7.15
CA CYS A 137 21.21 0.29 -7.21
C CYS A 137 19.76 -0.17 -7.28
N PHE A 138 19.24 -0.21 -8.50
CA PHE A 138 17.90 -0.75 -8.74
C PHE A 138 18.06 -2.17 -9.27
N LEU A 139 17.28 -3.10 -8.71
CA LEU A 139 17.20 -4.49 -9.16
C LEU A 139 15.73 -4.72 -9.54
N ASN A 140 15.48 -4.73 -10.84
CA ASN A 140 14.13 -4.59 -11.35
C ASN A 140 13.64 -5.83 -12.07
N ASN A 141 12.38 -6.16 -11.79
CA ASN A 141 11.58 -7.18 -12.52
C ASN A 141 12.16 -8.58 -12.44
N PHE A 142 12.30 -9.06 -11.22
CA PHE A 142 12.82 -10.41 -10.90
C PHE A 142 11.79 -11.29 -10.19
N TYR A 143 12.00 -12.60 -10.24
CA TYR A 143 11.13 -13.57 -9.54
C TYR A 143 11.95 -14.84 -9.27
N PRO A 144 11.90 -15.44 -8.09
CA PRO A 144 11.07 -15.05 -6.93
C PRO A 144 11.65 -13.88 -6.12
N LYS A 145 10.93 -13.47 -5.09
CA LYS A 145 11.31 -12.30 -4.28
C LYS A 145 12.67 -12.39 -3.58
N ASP A 146 13.06 -13.60 -3.18
CA ASP A 146 14.32 -13.82 -2.44
C ASP A 146 15.52 -13.35 -3.26
N ILE A 147 16.36 -12.51 -2.66
CA ILE A 147 17.55 -11.99 -3.36
C ILE A 147 18.56 -11.45 -2.34
N ASN A 148 19.85 -11.48 -2.70
CA ASN A 148 20.94 -10.98 -1.86
C ASN A 148 21.66 -9.87 -2.62
N VAL A 149 21.96 -8.78 -1.95
CA VAL A 149 22.73 -7.70 -2.53
C VAL A 149 23.94 -7.40 -1.66
N LYS A 150 25.12 -7.39 -2.30
CA LYS A 150 26.38 -7.09 -1.64
C LYS A 150 26.94 -5.80 -2.23
N TRP A 151 27.40 -4.89 -1.38
CA TRP A 151 28.07 -3.65 -1.81
C TRP A 151 29.57 -3.79 -1.59
N LYS A 152 30.36 -3.38 -2.58
CA LYS A 152 31.83 -3.30 -2.45
C LYS A 152 32.34 -1.89 -2.74
N ILE A 153 33.25 -1.40 -1.90
CA ILE A 153 33.92 -0.13 -2.10
C ILE A 153 35.39 -0.48 -2.35
N ASP A 154 35.92 -0.14 -3.52
CA ASP A 154 37.28 -0.53 -3.93
C ASP A 154 37.49 -2.04 -3.75
N GLY A 155 36.51 -2.82 -4.21
CA GLY A 155 36.53 -4.28 -4.12
C GLY A 155 36.34 -4.92 -2.74
N SER A 156 36.17 -4.11 -1.69
CA SER A 156 36.05 -4.57 -0.31
C SER A 156 34.58 -4.44 0.19
N GLU A 157 34.06 -5.50 0.80
CA GLU A 157 32.63 -5.55 1.18
C GLU A 157 32.23 -4.49 2.22
N ARG A 158 31.10 -3.81 2.00
CA ARG A 158 30.59 -2.79 2.91
C ARG A 158 29.20 -3.19 3.43
N GLN A 159 29.09 -3.43 4.73
CA GLN A 159 27.86 -3.95 5.35
C GLN A 159 27.01 -2.89 6.06
N ASN A 160 27.64 -1.87 6.63
CA ASN A 160 26.92 -0.81 7.30
C ASN A 160 26.49 0.27 6.29
N GLY A 161 25.36 0.91 6.56
CA GLY A 161 24.85 2.00 5.74
C GLY A 161 24.01 1.59 4.53
N VAL A 162 23.55 0.34 4.50
CA VAL A 162 22.74 -0.18 3.39
C VAL A 162 21.25 -0.29 3.79
N LEU A 163 20.37 0.25 2.96
CA LEU A 163 18.93 0.14 3.12
C LEU A 163 18.33 -0.38 1.86
N ASN A 164 17.47 -1.40 2.01
CA ASN A 164 16.82 -2.06 0.89
C ASN A 164 15.32 -1.87 1.01
N SER A 165 14.65 -1.67 -0.13
CA SER A 165 13.19 -1.52 -0.17
C SER A 165 12.64 -2.30 -1.36
N TRP A 166 11.58 -3.08 -1.15
CA TRP A 166 10.96 -3.87 -2.20
C TRP A 166 9.61 -3.34 -2.58
N THR A 167 9.26 -3.48 -3.85
CA THR A 167 7.92 -3.21 -4.31
C THR A 167 7.03 -4.40 -3.98
N ASP A 168 5.73 -4.15 -4.04
CA ASP A 168 4.75 -5.21 -4.02
C ASP A 168 4.80 -5.90 -5.39
N GLN A 169 4.24 -7.11 -5.44
CA GLN A 169 4.20 -7.89 -6.67
C GLN A 169 3.50 -7.12 -7.80
N ASP A 170 4.06 -7.20 -8.99
CA ASP A 170 3.54 -6.47 -10.14
C ASP A 170 2.26 -7.12 -10.67
N SER A 171 1.21 -6.34 -10.87
CA SER A 171 -0.11 -6.88 -11.26
C SER A 171 -0.16 -7.38 -12.69
N LYS A 172 0.77 -6.93 -13.53
CA LYS A 172 0.78 -7.32 -14.95
C LYS A 172 1.74 -8.45 -15.26
N ASP A 173 2.95 -8.44 -14.66
CA ASP A 173 3.95 -9.48 -14.93
C ASP A 173 4.38 -10.36 -13.74
N SER A 174 3.81 -10.14 -12.54
CA SER A 174 4.08 -10.97 -11.35
C SER A 174 5.51 -10.91 -10.83
N THR A 175 6.28 -9.89 -11.23
CA THR A 175 7.65 -9.74 -10.78
C THR A 175 7.72 -8.81 -9.57
N TYR A 176 8.91 -8.76 -8.97
CA TYR A 176 9.24 -7.84 -7.89
C TYR A 176 10.37 -6.96 -8.32
N SER A 177 10.52 -5.81 -7.66
CA SER A 177 11.66 -4.93 -7.87
C SER A 177 12.17 -4.47 -6.52
N MET A 178 13.44 -4.08 -6.47
CA MET A 178 14.07 -3.73 -5.19
C MET A 178 15.04 -2.59 -5.43
N SER A 179 15.09 -1.66 -4.47
CA SER A 179 16.14 -0.63 -4.46
C SER A 179 17.06 -0.93 -3.30
N SER A 180 18.37 -0.77 -3.54
CA SER A 180 19.38 -0.86 -2.50
C SER A 180 20.19 0.44 -2.51
N THR A 181 20.33 1.05 -1.33
CA THR A 181 20.95 2.36 -1.24
C THR A 181 22.06 2.28 -0.17
N LEU A 182 23.29 2.60 -0.59
CA LEU A 182 24.44 2.72 0.31
C LEU A 182 24.67 4.19 0.64
N THR A 183 24.56 4.55 1.91
CA THR A 183 24.77 5.94 2.31
C THR A 183 26.08 6.11 3.09
N LEU A 184 26.88 7.03 2.59
CA LEU A 184 28.21 7.38 3.11
C LEU A 184 28.23 8.87 3.33
N THR A 185 29.20 9.37 4.09
CA THR A 185 29.46 10.81 4.09
C THR A 185 30.13 11.20 2.76
N LYS A 186 30.03 12.47 2.39
CA LYS A 186 30.74 12.99 1.21
C LYS A 186 32.23 12.74 1.27
N ASP A 187 32.84 12.95 2.45
CA ASP A 187 34.28 12.77 2.57
C ASP A 187 34.69 11.32 2.36
N GLU A 188 33.93 10.38 2.92
CA GLU A 188 34.15 8.95 2.67
C GLU A 188 34.06 8.65 1.19
N TYR A 189 32.96 9.09 0.58
CA TYR A 189 32.69 8.79 -0.82
C TYR A 189 33.87 9.21 -1.71
N GLU A 190 34.41 10.39 -1.42
CA GLU A 190 35.46 10.99 -2.24
C GLU A 190 36.87 10.42 -1.98
N ARG A 191 37.03 9.60 -0.92
CA ARG A 191 38.28 8.87 -0.68
C ARG A 191 38.43 7.58 -1.50
N HIS A 192 37.42 7.15 -2.26
CA HIS A 192 37.50 5.88 -2.99
C HIS A 192 37.13 6.03 -4.43
N ASN A 193 37.51 5.05 -5.23
CA ASN A 193 37.32 5.07 -6.68
C ASN A 193 36.17 4.22 -7.21
N SER A 194 36.17 2.93 -6.85
CA SER A 194 35.24 1.95 -7.42
CA SER A 194 35.23 1.96 -7.42
CA SER A 194 35.26 1.93 -7.42
C SER A 194 34.08 1.60 -6.48
N TYR A 195 32.86 1.61 -7.02
CA TYR A 195 31.65 1.27 -6.24
C TYR A 195 30.94 0.21 -7.00
N THR A 196 30.57 -0.87 -6.32
CA THR A 196 29.95 -2.03 -6.95
C THR A 196 28.74 -2.54 -6.17
N CYS A 197 27.70 -2.92 -6.91
CA CYS A 197 26.49 -3.58 -6.41
CA CYS A 197 26.61 -3.66 -6.29
C CYS A 197 26.49 -4.99 -7.01
N GLU A 198 26.42 -6.05 -6.19
CA GLU A 198 26.39 -7.45 -6.66
C GLU A 198 25.12 -8.15 -6.20
N ALA A 199 24.36 -8.71 -7.14
CA ALA A 199 23.06 -9.29 -6.86
C ALA A 199 23.12 -10.80 -7.07
N THR A 200 22.85 -11.57 -6.01
CA THR A 200 22.81 -13.04 -6.11
C THR A 200 21.36 -13.47 -6.02
N HIS A 201 20.92 -14.15 -7.07
CA HIS A 201 19.53 -14.57 -7.24
CA HIS A 201 19.53 -14.58 -7.25
C HIS A 201 19.55 -16.02 -7.74
N LYS A 202 18.49 -16.78 -7.45
CA LYS A 202 18.51 -18.23 -7.77
C LYS A 202 18.70 -18.56 -9.25
N THR A 203 18.39 -17.61 -10.12
CA THR A 203 18.52 -17.76 -11.56
C THR A 203 19.95 -17.98 -12.04
N SER A 204 20.96 -17.78 -11.18
CA SER A 204 22.35 -18.13 -11.52
C SER A 204 23.23 -18.27 -10.31
N THR A 205 24.26 -19.10 -10.43
CA THR A 205 25.28 -19.22 -9.39
C THR A 205 26.26 -18.05 -9.44
N SER A 206 26.31 -17.35 -10.59
CA SER A 206 27.16 -16.17 -10.75
CA SER A 206 27.16 -16.17 -10.75
C SER A 206 26.39 -14.89 -10.39
N PRO A 207 26.98 -14.01 -9.54
CA PRO A 207 26.31 -12.72 -9.29
C PRO A 207 26.22 -11.85 -10.53
N ILE A 208 25.23 -10.95 -10.57
CA ILE A 208 25.13 -9.90 -11.56
C ILE A 208 25.84 -8.72 -10.92
N VAL A 209 26.88 -8.21 -11.58
CA VAL A 209 27.76 -7.19 -11.02
C VAL A 209 27.65 -5.89 -11.85
N LYS A 210 27.31 -4.78 -11.20
CA LYS A 210 27.33 -3.47 -11.82
C LYS A 210 28.24 -2.56 -11.00
N SER A 211 29.07 -1.79 -11.70
CA SER A 211 30.11 -0.95 -11.09
CA SER A 211 30.06 -0.93 -11.05
C SER A 211 30.23 0.41 -11.77
N PHE A 212 30.79 1.37 -11.06
CA PHE A 212 31.31 2.58 -11.70
C PHE A 212 32.61 2.98 -11.02
N ASN A 213 33.45 3.68 -11.79
CA ASN A 213 34.73 4.20 -11.29
C ASN A 213 34.68 5.71 -11.35
N ARG A 214 34.98 6.36 -10.23
CA ARG A 214 34.91 7.82 -10.14
C ARG A 214 35.84 8.56 -11.12
N ASN A 215 36.97 7.94 -11.48
CA ASN A 215 37.85 8.46 -12.54
C ASN A 215 37.53 7.91 -13.96
N PCA B 1 -24.51 5.77 -8.90
CA PCA B 1 -23.79 5.12 -7.83
CB PCA B 1 -22.84 4.18 -8.60
CG PCA B 1 -23.67 3.84 -9.83
CD PCA B 1 -24.58 5.03 -10.01
OE PCA B 1 -25.25 5.30 -11.02
C PCA B 1 -23.04 6.02 -6.84
O PCA B 1 -22.62 7.13 -7.17
N VAL B 2 -22.91 5.48 -5.62
CA VAL B 2 -22.42 6.22 -4.46
C VAL B 2 -21.00 6.70 -4.71
N GLN B 3 -20.71 7.94 -4.35
CA GLN B 3 -19.35 8.50 -4.48
C GLN B 3 -18.91 8.96 -3.08
N LEU B 4 -17.71 8.55 -2.63
CA LEU B 4 -17.18 8.92 -1.31
C LEU B 4 -15.81 9.53 -1.40
N GLU B 5 -15.58 10.61 -0.66
CA GLU B 5 -14.26 11.25 -0.59
C GLU B 5 -13.96 11.77 0.80
N GLU B 6 -12.84 11.34 1.37
CA GLU B 6 -12.42 11.72 2.73
C GLU B 6 -11.67 13.03 2.63
N SER B 7 -11.82 13.88 3.63
CA SER B 7 -10.95 15.04 3.78
C SER B 7 -10.60 15.26 5.25
N GLY B 8 -9.50 15.98 5.44
CA GLY B 8 -8.99 16.30 6.77
C GLY B 8 -7.48 16.42 6.78
N PRO B 9 -6.92 16.69 7.97
CA PRO B 9 -5.47 16.89 8.06
C PRO B 9 -4.71 15.58 7.91
N GLY B 10 -3.52 15.65 7.31
CA GLY B 10 -2.58 14.54 7.26
C GLY B 10 -1.69 14.39 8.49
N LEU B 11 -1.66 15.40 9.35
CA LEU B 11 -0.79 15.41 10.53
C LEU B 11 -1.55 15.99 11.71
N VAL B 12 -1.54 15.27 12.82
CA VAL B 12 -2.20 15.70 14.07
CA VAL B 12 -2.17 15.74 14.05
C VAL B 12 -1.23 15.47 15.21
N ARG B 13 -1.29 16.33 16.23
CA ARG B 13 -0.40 16.20 17.38
C ARG B 13 -0.99 15.29 18.45
N PRO B 14 -0.12 14.56 19.16
CA PRO B 14 -0.59 13.74 20.28
C PRO B 14 -1.46 14.54 21.25
N SER B 15 -2.55 13.91 21.70
CA SER B 15 -3.54 14.48 22.64
C SER B 15 -4.56 15.44 22.04
N GLU B 16 -4.43 15.76 20.75
CA GLU B 16 -5.35 16.65 20.10
C GLU B 16 -6.45 15.77 19.48
N THR B 17 -7.43 16.40 18.84
CA THR B 17 -8.58 15.67 18.29
C THR B 17 -8.37 15.53 16.78
N LEU B 18 -8.50 14.30 16.27
CA LEU B 18 -8.53 14.06 14.83
C LEU B 18 -9.94 14.22 14.29
N SER B 19 -10.11 15.12 13.31
CA SER B 19 -11.41 15.38 12.71
C SER B 19 -11.32 15.10 11.23
N LEU B 20 -12.11 14.13 10.75
CA LEU B 20 -12.21 13.81 9.32
C LEU B 20 -13.63 13.99 8.86
N SER B 21 -13.80 14.25 7.57
CA SER B 21 -15.15 14.27 6.99
CA SER B 21 -15.14 14.32 6.97
C SER B 21 -15.15 13.51 5.70
N CYS B 22 -16.34 13.06 5.32
CA CYS B 22 -16.54 12.29 4.10
CA CYS B 22 -16.51 12.34 4.08
C CYS B 22 -17.75 12.84 3.37
N THR B 23 -17.55 13.24 2.13
CA THR B 23 -18.63 13.75 1.31
C THR B 23 -19.23 12.60 0.54
N VAL B 24 -20.54 12.46 0.67
CA VAL B 24 -21.29 11.38 0.06
C VAL B 24 -22.12 12.02 -1.04
N SER B 25 -21.87 11.65 -2.27
CA SER B 25 -22.63 12.22 -3.37
C SER B 25 -23.21 11.15 -4.27
N GLY B 26 -24.29 11.50 -4.96
CA GLY B 26 -24.98 10.58 -5.84
C GLY B 26 -25.81 9.49 -5.20
N PHE B 27 -26.14 9.64 -3.92
CA PHE B 27 -26.96 8.64 -3.21
C PHE B 27 -27.66 9.29 -2.02
N PRO B 28 -28.92 8.89 -1.73
CA PRO B 28 -29.60 9.52 -0.58
C PRO B 28 -29.11 8.94 0.74
N MET B 29 -28.72 9.83 1.66
CA MET B 29 -28.32 9.41 3.00
C MET B 29 -29.50 9.02 3.90
N SER B 30 -30.73 9.24 3.43
CA SER B 30 -31.92 8.88 4.21
C SER B 30 -32.44 7.48 3.87
N GLU B 31 -31.77 6.76 2.96
CA GLU B 31 -32.04 5.34 2.72
C GLU B 31 -31.44 4.48 3.84
N SER B 32 -31.85 3.22 3.88
CA SER B 32 -31.51 2.30 4.99
CA SER B 32 -31.52 2.29 4.97
C SER B 32 -30.10 1.70 4.83
N TYR B 33 -29.09 2.56 5.00
CA TYR B 33 -27.65 2.23 4.93
C TYR B 33 -26.93 3.00 6.04
N PHE B 34 -25.96 2.35 6.63
CA PHE B 34 -25.07 3.00 7.57
C PHE B 34 -23.90 3.63 6.81
N TRP B 35 -23.27 4.58 7.48
CA TRP B 35 -22.11 5.31 6.98
C TRP B 35 -21.06 5.22 8.08
N GLY B 36 -19.86 4.77 7.73
CA GLY B 36 -18.87 4.43 8.75
C GLY B 36 -17.43 4.65 8.34
N TRP B 37 -16.55 4.27 9.25
CA TRP B 37 -15.15 4.50 9.12
C TRP B 37 -14.36 3.24 9.46
N ILE B 38 -13.37 2.98 8.63
CA ILE B 38 -12.41 1.86 8.79
C ILE B 38 -10.99 2.43 8.79
N ARG B 39 -10.03 1.84 9.50
CA ARG B 39 -8.66 2.30 9.36
C ARG B 39 -7.70 1.12 9.21
N GLN B 40 -6.50 1.44 8.74
CA GLN B 40 -5.48 0.44 8.44
C GLN B 40 -4.12 1.07 8.75
N SER B 41 -3.43 0.55 9.77
CA SER B 41 -2.09 1.02 10.15
CA SER B 41 -2.09 1.03 10.16
C SER B 41 -1.08 0.52 9.13
N PRO B 42 -0.04 1.35 8.79
CA PRO B 42 0.94 0.93 7.78
C PRO B 42 1.45 -0.51 7.96
N GLY B 43 1.27 -1.32 6.93
CA GLY B 43 1.69 -2.73 6.93
C GLY B 43 0.84 -3.70 7.71
N LYS B 44 -0.32 -3.25 8.22
CA LYS B 44 -1.18 -4.09 9.07
C LYS B 44 -2.60 -4.17 8.48
N GLY B 45 -3.54 -4.70 9.25
CA GLY B 45 -4.86 -5.08 8.73
C GLY B 45 -5.91 -4.01 8.94
N LEU B 46 -7.14 -4.36 8.59
CA LEU B 46 -8.29 -3.46 8.64
C LEU B 46 -8.97 -3.50 9.99
N GLU B 47 -9.32 -2.32 10.47
CA GLU B 47 -9.95 -2.17 11.78
C GLU B 47 -11.23 -1.33 11.67
N TRP B 48 -12.39 -1.91 11.99
CA TRP B 48 -13.63 -1.14 12.02
C TRP B 48 -13.69 -0.20 13.21
N LEU B 49 -14.05 1.06 12.95
CA LEU B 49 -14.19 2.07 14.01
C LEU B 49 -15.62 2.26 14.46
N GLY B 50 -16.56 2.29 13.52
CA GLY B 50 -17.95 2.50 13.86
C GLY B 50 -18.74 2.98 12.68
N SER B 51 -20.04 3.21 12.91
CA SER B 51 -20.95 3.63 11.84
C SER B 51 -22.20 4.30 12.44
N VAL B 52 -22.91 5.01 11.58
CA VAL B 52 -24.12 5.77 11.95
C VAL B 52 -25.17 5.68 10.84
N ILE B 53 -26.45 5.77 11.23
CA ILE B 53 -27.55 5.81 10.28
C ILE B 53 -28.36 7.08 10.53
N HIS B 54 -29.12 7.51 9.53
CA HIS B 54 -29.93 8.76 9.60
C HIS B 54 -30.89 8.87 10.81
N THR B 55 -31.29 7.74 11.39
CA THR B 55 -32.17 7.72 12.59
C THR B 55 -31.45 8.14 13.87
N GLY B 56 -30.12 8.15 13.84
CA GLY B 56 -29.27 8.52 14.97
C GLY B 56 -28.56 7.33 15.62
N THR B 57 -28.99 6.10 15.32
CA THR B 57 -28.36 4.90 15.83
C THR B 57 -26.86 4.82 15.42
N THR B 58 -26.00 4.53 16.41
CA THR B 58 -24.55 4.50 16.21
CA THR B 58 -24.53 4.47 16.22
C THR B 58 -23.97 3.21 16.83
N TYR B 59 -22.91 2.68 16.21
CA TYR B 59 -22.14 1.53 16.73
C TYR B 59 -20.66 1.90 16.70
N TYR B 60 -19.94 1.54 17.76
CA TYR B 60 -18.53 1.86 17.90
C TYR B 60 -17.72 0.63 18.27
N ARG B 61 -16.45 0.64 17.86
CA ARG B 61 -15.47 -0.33 18.33
C ARG B 61 -15.38 -0.20 19.87
N PRO B 62 -15.55 -1.31 20.61
CA PRO B 62 -15.59 -1.17 22.09
C PRO B 62 -14.36 -0.51 22.71
N SER B 63 -13.17 -0.84 22.21
CA SER B 63 -11.93 -0.25 22.73
C SER B 63 -11.78 1.26 22.47
N LEU B 64 -12.51 1.81 21.49
CA LEU B 64 -12.42 3.24 21.16
C LEU B 64 -13.63 4.10 21.52
N GLU B 65 -14.69 3.48 22.03
CA GLU B 65 -15.96 4.17 22.22
C GLU B 65 -15.86 5.40 23.12
N SER B 66 -14.96 5.41 24.10
CA SER B 66 -14.79 6.61 24.91
C SER B 66 -14.20 7.82 24.18
N ARG B 67 -13.48 7.60 23.08
CA ARG B 67 -12.78 8.67 22.35
C ARG B 67 -13.41 9.02 20.98
N LEU B 68 -14.35 8.21 20.50
CA LEU B 68 -14.83 8.29 19.12
C LEU B 68 -16.26 8.80 19.04
N THR B 69 -16.51 9.76 18.16
CA THR B 69 -17.85 10.19 17.77
C THR B 69 -17.97 10.17 16.23
N ILE B 70 -18.96 9.45 15.72
CA ILE B 70 -19.25 9.36 14.29
C ILE B 70 -20.69 9.87 14.12
N ALA B 71 -20.87 10.82 13.21
CA ALA B 71 -22.13 11.51 13.05
C ALA B 71 -22.37 11.84 11.58
N MET B 72 -23.60 12.19 11.23
CA MET B 72 -23.87 12.57 9.84
C MET B 72 -24.73 13.81 9.75
N ASP B 73 -24.65 14.45 8.58
CA ASP B 73 -25.46 15.63 8.27
C ASP B 73 -25.99 15.45 6.83
N PRO B 74 -27.20 14.85 6.70
CA PRO B 74 -27.71 14.41 5.40
C PRO B 74 -28.04 15.51 4.38
N SER B 75 -28.24 16.75 4.85
CA SER B 75 -28.42 17.91 3.98
C SER B 75 -27.10 18.30 3.31
N LYS B 76 -26.05 18.39 4.13
CA LYS B 76 -24.69 18.65 3.68
C LYS B 76 -24.09 17.45 2.91
N ASN B 77 -24.66 16.27 3.08
CA ASN B 77 -24.20 15.05 2.41
C ASN B 77 -22.84 14.64 3.02
N GLN B 78 -22.71 14.69 4.33
N GLN B 78 -22.73 14.68 4.33
CA GLN B 78 -21.42 14.41 4.98
CA GLN B 78 -21.48 14.42 5.06
C GLN B 78 -21.55 13.46 6.17
C GLN B 78 -21.62 13.35 6.11
N VAL B 79 -20.55 12.60 6.33
CA VAL B 79 -20.40 11.77 7.54
C VAL B 79 -19.07 12.20 8.17
N SER B 80 -19.04 12.31 9.49
CA SER B 80 -17.88 12.84 10.21
C SER B 80 -17.29 11.81 11.16
N LEU B 81 -16.01 11.98 11.45
CA LEU B 81 -15.32 11.24 12.50
C LEU B 81 -14.61 12.24 13.40
N SER B 82 -14.65 12.00 14.71
CA SER B 82 -13.94 12.81 15.69
C SER B 82 -13.36 11.83 16.72
N LEU B 83 -12.03 11.75 16.76
CA LEU B 83 -11.28 10.86 17.65
C LEU B 83 -10.43 11.71 18.59
N THR B 84 -10.81 11.73 19.86
CA THR B 84 -10.15 12.56 20.86
C THR B 84 -8.93 11.89 21.45
N SER B 85 -8.08 12.71 22.08
CA SER B 85 -6.87 12.24 22.79
C SER B 85 -6.03 11.27 21.94
N VAL B 86 -5.67 11.74 20.76
CA VAL B 86 -4.97 10.91 19.80
C VAL B 86 -3.61 10.51 20.33
N THR B 87 -3.20 9.30 19.96
CA THR B 87 -1.87 8.82 20.25
C THR B 87 -1.15 8.46 18.95
N VAL B 88 0.15 8.22 19.08
CA VAL B 88 0.93 7.79 17.92
C VAL B 88 0.36 6.51 17.29
N ALA B 89 -0.25 5.63 18.09
CA ALA B 89 -0.89 4.41 17.55
C ALA B 89 -2.14 4.65 16.68
N ASP B 90 -2.69 5.86 16.69
CA ASP B 90 -3.79 6.24 15.78
C ASP B 90 -3.36 6.60 14.35
N SER B 91 -2.06 6.62 14.06
CA SER B 91 -1.57 6.81 12.69
C SER B 91 -2.07 5.69 11.80
N ALA B 92 -2.63 6.06 10.66
CA ALA B 92 -3.25 5.06 9.78
C ALA B 92 -3.78 5.69 8.53
N MET B 93 -4.15 4.85 7.57
CA MET B 93 -5.03 5.24 6.47
CA MET B 93 -5.04 5.28 6.50
C MET B 93 -6.48 5.11 6.98
N TYR B 94 -7.29 6.16 6.83
CA TYR B 94 -8.71 6.16 7.24
C TYR B 94 -9.60 6.13 6.00
N TYR B 95 -10.54 5.19 5.97
CA TYR B 95 -11.49 5.06 4.87
C TYR B 95 -12.93 5.28 5.36
N CYS B 96 -13.72 6.04 4.58
CA CYS B 96 -15.17 6.14 4.71
CA CYS B 96 -15.17 6.07 4.80
C CYS B 96 -15.81 4.99 3.92
N VAL B 97 -16.92 4.42 4.42
CA VAL B 97 -17.61 3.31 3.75
C VAL B 97 -19.12 3.43 3.91
N ARG B 98 -19.86 3.00 2.89
CA ARG B 98 -21.29 2.73 3.01
C ARG B 98 -21.47 1.30 3.46
N ILE B 99 -22.38 1.08 4.41
CA ILE B 99 -22.57 -0.22 5.02
C ILE B 99 -24.04 -0.63 4.91
N ARG B 100 -24.30 -1.82 4.40
CA ARG B 100 -25.61 -2.39 4.49
C ARG B 100 -25.63 -3.14 5.80
N GLY B 101 -26.48 -2.72 6.72
CA GLY B 101 -26.47 -3.26 8.08
C GLY B 101 -27.33 -4.50 8.23
N GLY B 102 -28.22 -4.47 9.23
CA GLY B 102 -28.99 -5.66 9.61
C GLY B 102 -28.11 -6.87 9.86
N SER B 103 -28.50 -8.02 9.29
CA SER B 103 -27.66 -9.20 9.34
CA SER B 103 -27.70 -9.25 9.27
C SER B 103 -26.56 -9.26 8.24
N SER B 104 -26.61 -8.35 7.27
CA SER B 104 -25.64 -8.39 6.15
C SER B 104 -24.27 -7.89 6.54
N ASN B 105 -24.22 -6.62 6.95
CA ASN B 105 -22.97 -5.98 7.35
C ASN B 105 -21.90 -6.10 6.26
N TRP B 106 -22.24 -5.71 5.04
CA TRP B 106 -21.26 -5.59 3.96
C TRP B 106 -20.91 -4.14 3.68
N LEU B 107 -19.68 -3.91 3.20
CA LEU B 107 -19.10 -2.57 3.04
C LEU B 107 -18.84 -2.28 1.54
N ASP B 108 -19.63 -1.39 0.94
CA ASP B 108 -19.50 -1.08 -0.48
C ASP B 108 -20.29 0.20 -0.84
N PRO B 109 -19.68 1.22 -1.45
CA PRO B 109 -18.25 1.32 -1.78
C PRO B 109 -17.42 1.89 -0.63
N TRP B 110 -16.13 2.01 -0.91
CA TRP B 110 -15.14 2.58 0.01
C TRP B 110 -14.59 3.84 -0.64
N GLY B 111 -14.28 4.86 0.17
CA GLY B 111 -13.51 5.99 -0.33
C GLY B 111 -12.08 5.62 -0.66
N PRO B 112 -11.34 6.51 -1.33
CA PRO B 112 -9.94 6.24 -1.69
C PRO B 112 -8.96 6.18 -0.50
N GLY B 113 -9.38 6.76 0.63
CA GLY B 113 -8.61 6.76 1.87
C GLY B 113 -7.77 8.01 2.06
N ILE B 114 -7.54 8.39 3.32
CA ILE B 114 -6.68 9.54 3.65
C ILE B 114 -5.64 9.09 4.66
N VAL B 115 -4.37 9.45 4.42
CA VAL B 115 -3.28 9.08 5.31
C VAL B 115 -3.20 10.10 6.44
N VAL B 116 -3.20 9.61 7.68
CA VAL B 116 -3.13 10.45 8.87
C VAL B 116 -1.99 9.96 9.75
N THR B 117 -1.09 10.87 10.12
CA THR B 117 0.00 10.57 11.02
C THR B 117 -0.23 11.38 12.29
N ALA B 118 -0.13 10.71 13.41
CA ALA B 118 -0.09 11.34 14.71
C ALA B 118 1.33 11.37 15.21
N SER B 119 1.87 12.58 15.39
CA SER B 119 3.28 12.80 15.70
C SER B 119 3.53 14.20 16.22
N SER B 120 4.57 14.33 17.04
CA SER B 120 5.12 15.62 17.50
C SER B 120 6.15 16.23 16.57
N ALA B 121 6.61 15.45 15.60
CA ALA B 121 7.67 15.88 14.68
C ALA B 121 7.19 16.95 13.73
N LYS B 122 8.13 17.78 13.28
CA LYS B 122 7.80 18.91 12.47
C LYS B 122 7.73 18.51 11.01
N THR B 123 6.83 19.14 10.31
CA THR B 123 6.71 18.96 8.87
C THR B 123 8.00 19.43 8.18
N THR B 124 8.50 18.64 7.22
CA THR B 124 9.79 18.90 6.55
C THR B 124 9.63 18.55 5.08
N PRO B 125 9.96 19.47 4.17
CA PRO B 125 9.80 19.15 2.75
C PRO B 125 10.91 18.22 2.25
N PRO B 126 10.70 17.59 1.08
CA PRO B 126 11.70 16.70 0.51
C PRO B 126 12.83 17.42 -0.20
N SER B 127 14.01 16.81 -0.16
CA SER B 127 15.13 17.15 -1.04
C SER B 127 15.09 16.09 -2.11
N VAL B 128 15.18 16.50 -3.37
CA VAL B 128 15.05 15.60 -4.49
C VAL B 128 16.37 15.63 -5.29
N TYR B 129 16.87 14.44 -5.63
CA TYR B 129 18.15 14.30 -6.34
C TYR B 129 18.01 13.44 -7.60
N PRO B 130 18.58 13.90 -8.72
CA PRO B 130 18.57 13.10 -9.95
C PRO B 130 19.51 11.90 -9.89
N LEU B 131 19.06 10.76 -10.44
CA LEU B 131 19.93 9.59 -10.60
C LEU B 131 20.19 9.38 -12.10
N ALA B 132 21.38 9.77 -12.55
CA ALA B 132 21.87 9.57 -13.93
C ALA B 132 22.99 8.52 -13.93
N PRO B 133 23.15 7.74 -15.01
CA PRO B 133 24.25 6.76 -15.10
C PRO B 133 25.63 7.42 -14.96
N GLY B 134 26.60 6.65 -14.48
CA GLY B 134 27.97 7.14 -14.40
C GLY B 134 28.57 7.27 -15.79
N CYS B 135 29.61 8.11 -15.91
CA CYS B 135 30.31 8.32 -17.18
C CYS B 135 30.79 7.00 -17.79
N GLY B 136 30.63 6.85 -19.11
CA GLY B 136 31.10 5.68 -19.82
C GLY B 136 30.33 4.38 -19.63
N ASP B 137 29.13 4.47 -19.05
CA ASP B 137 28.30 3.29 -18.82
C ASP B 137 27.80 2.75 -20.17
N THR B 138 27.81 1.43 -20.31
CA THR B 138 27.53 0.79 -21.60
C THR B 138 26.02 0.69 -21.82
N THR B 139 25.54 1.29 -22.92
CA THR B 139 24.12 1.46 -23.14
C THR B 139 23.52 0.37 -24.04
N GLY B 140 22.58 -0.39 -23.49
CA GLY B 140 21.73 -1.28 -24.29
C GLY B 140 20.66 -0.50 -25.04
N SER B 141 19.62 -1.20 -25.48
CA SER B 141 18.47 -0.58 -26.15
C SER B 141 17.54 0.20 -25.21
N SER B 142 17.67 -0.01 -23.90
CA SER B 142 16.91 0.73 -22.90
C SER B 142 17.85 1.23 -21.82
N VAL B 143 17.44 2.30 -21.14
CA VAL B 143 18.24 2.96 -20.12
C VAL B 143 17.30 3.27 -18.94
N THR B 144 17.81 3.05 -17.73
CA THR B 144 17.04 3.31 -16.51
C THR B 144 17.64 4.56 -15.86
N LEU B 145 16.75 5.41 -15.37
CA LEU B 145 17.09 6.64 -14.64
C LEU B 145 16.30 6.63 -13.34
N GLY B 146 16.62 7.55 -12.43
CA GLY B 146 15.83 7.65 -11.21
C GLY B 146 15.85 8.99 -10.54
N CYS B 147 15.02 9.09 -9.50
CA CYS B 147 15.04 10.21 -8.55
CA CYS B 147 15.21 10.17 -8.54
C CYS B 147 15.03 9.69 -7.11
N LEU B 148 15.84 10.30 -6.26
CA LEU B 148 15.99 9.94 -4.86
C LEU B 148 15.35 11.06 -4.08
N VAL B 149 14.45 10.73 -3.17
CA VAL B 149 13.66 11.71 -2.40
C VAL B 149 14.00 11.52 -0.93
N LYS B 150 14.61 12.49 -0.26
CA LYS B 150 15.11 12.33 1.09
C LYS B 150 14.62 13.39 2.03
N GLY B 151 14.56 13.04 3.32
CA GLY B 151 14.44 14.05 4.38
C GLY B 151 13.11 14.73 4.58
N TYR B 152 12.00 14.06 4.20
CA TYR B 152 10.67 14.64 4.34
C TYR B 152 9.85 14.05 5.50
N PHE B 153 8.85 14.81 5.94
CA PHE B 153 7.94 14.34 6.96
C PHE B 153 6.66 15.18 6.95
N PRO B 154 5.45 14.60 7.06
CA PRO B 154 5.15 13.17 7.13
C PRO B 154 4.93 12.58 5.77
N GLU B 155 4.54 11.31 5.73
CA GLU B 155 3.97 10.74 4.49
C GLU B 155 2.71 11.51 4.05
N SER B 156 2.36 11.53 2.75
CA SER B 156 3.06 10.85 1.65
C SER B 156 3.67 11.85 0.63
N VAL B 157 4.45 11.31 -0.31
CA VAL B 157 4.84 12.04 -1.52
C VAL B 157 4.31 11.27 -2.71
N THR B 158 4.14 11.97 -3.82
CA THR B 158 3.86 11.31 -5.10
CA THR B 158 3.81 11.36 -5.11
C THR B 158 4.92 11.71 -6.10
N VAL B 159 5.43 10.72 -6.82
CA VAL B 159 6.49 10.93 -7.81
C VAL B 159 5.91 10.61 -9.17
N THR B 160 6.02 11.56 -10.08
CA THR B 160 5.61 11.35 -11.46
C THR B 160 6.77 11.65 -12.40
N TRP B 161 6.70 11.05 -13.59
CA TRP B 161 7.74 11.18 -14.60
C TRP B 161 7.18 11.77 -15.89
N ASN B 162 7.92 12.70 -16.48
CA ASN B 162 7.63 13.19 -17.84
C ASN B 162 8.81 12.83 -18.72
N SER B 163 8.52 12.19 -19.86
CA SER B 163 9.56 11.78 -20.79
C SER B 163 9.05 11.89 -22.21
N GLY B 164 9.98 11.98 -23.16
CA GLY B 164 9.63 12.00 -24.59
C GLY B 164 8.80 10.78 -24.98
N SER B 165 9.23 9.60 -24.52
CA SER B 165 8.58 8.34 -24.88
C SER B 165 7.21 8.12 -24.23
N LEU B 166 6.91 8.82 -23.13
CA LEU B 166 5.76 8.56 -22.27
C LEU B 166 5.77 7.13 -21.69
N SER B 167 6.97 6.62 -21.40
CA SER B 167 7.12 5.30 -20.77
C SER B 167 6.39 5.23 -19.44
N SER B 168 5.68 4.13 -19.23
CA SER B 168 5.09 3.82 -17.91
C SER B 168 5.89 2.71 -17.18
N SER B 169 7.11 2.43 -17.65
CA SER B 169 7.97 1.42 -17.01
CA SER B 169 7.99 1.43 -17.02
C SER B 169 8.65 2.07 -15.81
N VAL B 170 7.82 2.28 -14.78
CA VAL B 170 8.16 3.02 -13.57
C VAL B 170 8.02 2.12 -12.33
N HIS B 171 8.98 2.25 -11.40
CA HIS B 171 8.90 1.56 -10.11
CA HIS B 171 8.88 1.58 -10.11
C HIS B 171 9.06 2.58 -9.02
N THR B 172 8.09 2.61 -8.11
CA THR B 172 8.11 3.51 -6.99
C THR B 172 8.37 2.67 -5.76
N PHE B 173 9.42 2.98 -5.02
CA PHE B 173 9.83 2.14 -3.91
C PHE B 173 9.26 2.71 -2.60
N PRO B 174 8.79 1.83 -1.68
CA PRO B 174 8.22 2.32 -0.40
C PRO B 174 9.19 3.12 0.43
N ALA B 175 8.67 4.14 1.12
CA ALA B 175 9.50 4.98 1.96
C ALA B 175 9.92 4.29 3.25
N LEU B 176 11.14 4.62 3.70
CA LEU B 176 11.71 4.13 4.95
C LEU B 176 12.04 5.31 5.84
N LEU B 177 11.78 5.12 7.14
CA LEU B 177 11.88 6.18 8.14
C LEU B 177 13.18 6.03 8.92
N GLN B 178 13.89 7.14 9.11
CA GLN B 178 15.17 7.16 9.81
C GLN B 178 15.44 8.53 10.42
N SER B 179 15.54 8.57 11.76
CA SER B 179 15.69 9.81 12.53
C SER B 179 14.61 10.83 12.16
N GLY B 180 13.38 10.35 12.10
CA GLY B 180 12.22 11.21 11.90
C GLY B 180 11.97 11.69 10.49
N LEU B 181 12.77 11.23 9.52
CA LEU B 181 12.62 11.64 8.12
C LEU B 181 12.53 10.42 7.17
N TYR B 182 11.63 10.53 6.19
CA TYR B 182 11.45 9.46 5.21
C TYR B 182 12.36 9.63 3.98
N THR B 183 12.73 8.50 3.38
CA THR B 183 13.44 8.49 2.12
C THR B 183 12.82 7.45 1.22
N MET B 184 12.66 7.80 -0.04
CA MET B 184 12.15 6.87 -1.04
C MET B 184 12.84 7.15 -2.37
N SER B 185 12.63 6.27 -3.34
CA SER B 185 13.13 6.52 -4.69
C SER B 185 12.19 5.99 -5.71
N SER B 186 12.44 6.39 -6.95
CA SER B 186 11.64 5.96 -8.09
C SER B 186 12.55 5.78 -9.31
N SER B 187 12.26 4.74 -10.09
CA SER B 187 13.00 4.44 -11.32
C SER B 187 12.06 4.55 -12.51
N VAL B 188 12.63 5.02 -13.62
CA VAL B 188 11.95 4.97 -14.93
C VAL B 188 12.88 4.37 -15.97
N THR B 189 12.33 3.50 -16.84
CA THR B 189 13.07 2.91 -17.94
C THR B 189 12.51 3.41 -19.27
N VAL B 190 13.39 3.92 -20.12
CA VAL B 190 13.00 4.50 -21.42
C VAL B 190 13.91 3.91 -22.50
N PRO B 191 13.50 4.00 -23.78
CA PRO B 191 14.43 3.55 -24.82
C PRO B 191 15.65 4.43 -24.89
N SER B 192 16.83 3.83 -25.12
CA SER B 192 18.08 4.60 -25.17
CA SER B 192 18.10 4.58 -25.20
C SER B 192 18.13 5.61 -26.33
N SER B 193 17.33 5.38 -27.38
CA SER B 193 17.17 6.36 -28.44
C SER B 193 16.47 7.66 -28.04
N THR B 194 15.82 7.70 -26.87
CA THR B 194 15.01 8.85 -26.41
C THR B 194 15.59 9.62 -25.24
N TRP B 195 16.65 9.10 -24.61
CA TRP B 195 17.40 9.86 -23.61
C TRP B 195 18.88 9.61 -23.86
N PRO B 196 19.74 10.62 -23.80
CA PRO B 196 19.43 12.00 -23.43
C PRO B 196 18.94 12.88 -24.56
N SER B 197 18.71 12.31 -25.74
CA SER B 197 18.23 13.12 -26.86
C SER B 197 16.91 13.87 -26.57
N GLN B 198 16.03 13.30 -25.73
CA GLN B 198 14.85 14.02 -25.23
C GLN B 198 14.81 14.06 -23.69
N THR B 199 14.09 15.03 -23.15
CA THR B 199 14.01 15.29 -21.72
C THR B 199 13.33 14.18 -20.90
N VAL B 200 13.91 13.90 -19.72
CA VAL B 200 13.25 13.11 -18.66
C VAL B 200 13.34 13.91 -17.37
N THR B 201 12.17 14.17 -16.76
CA THR B 201 12.08 14.91 -15.51
CA THR B 201 12.09 14.89 -15.49
CA THR B 201 12.13 14.88 -15.49
C THR B 201 11.21 14.16 -14.50
N CYS B 202 11.56 14.20 -13.23
CA CYS B 202 10.68 13.70 -12.18
CA CYS B 202 10.66 13.70 -12.19
C CYS B 202 10.08 14.88 -11.47
N SER B 203 8.84 14.72 -11.01
CA SER B 203 8.15 15.76 -10.22
C SER B 203 7.68 15.12 -8.94
N VAL B 204 8.01 15.75 -7.83
CA VAL B 204 7.75 15.23 -6.51
C VAL B 204 6.83 16.19 -5.76
N ALA B 205 5.64 15.72 -5.42
CA ALA B 205 4.67 16.53 -4.65
C ALA B 205 4.62 16.06 -3.20
N HIS B 206 4.72 17.00 -2.26
CA HIS B 206 4.55 16.77 -0.82
C HIS B 206 3.50 17.73 -0.27
N PRO B 207 2.22 17.37 -0.39
CA PRO B 207 1.13 18.27 0.05
C PRO B 207 1.27 18.77 1.49
N ALA B 208 1.76 17.94 2.40
CA ALA B 208 1.88 18.34 3.80
C ALA B 208 2.74 19.61 3.99
N SER B 209 3.76 19.81 3.17
CA SER B 209 4.59 21.02 3.23
C SER B 209 4.28 22.02 2.10
N SER B 210 3.22 21.76 1.34
CA SER B 210 2.80 22.58 0.20
C SER B 210 3.93 22.74 -0.80
N THR B 211 4.72 21.69 -0.97
CA THR B 211 5.95 21.75 -1.78
C THR B 211 5.85 20.83 -2.99
N THR B 212 6.29 21.33 -4.13
CA THR B 212 6.54 20.50 -5.31
C THR B 212 7.95 20.79 -5.83
N VAL B 213 8.69 19.71 -6.16
CA VAL B 213 10.07 19.83 -6.63
C VAL B 213 10.23 19.02 -7.91
N ASP B 214 10.70 19.65 -8.97
CA ASP B 214 11.09 18.95 -10.21
C ASP B 214 12.61 18.84 -10.35
N LYS B 215 13.07 17.70 -10.91
CA LYS B 215 14.46 17.54 -11.29
C LYS B 215 14.57 16.98 -12.69
N LYS B 216 15.34 17.63 -13.54
CA LYS B 216 15.63 17.14 -14.89
C LYS B 216 16.82 16.21 -14.82
N ILE B 217 16.70 15.03 -15.43
CA ILE B 217 17.80 14.09 -15.42
C ILE B 217 18.72 14.37 -16.61
N GLU B 218 19.91 14.88 -16.33
CA GLU B 218 20.88 15.22 -17.38
C GLU B 218 22.08 14.27 -17.36
N PRO B 219 22.64 13.97 -18.53
CA PRO B 219 23.84 13.13 -18.50
C PRO B 219 25.01 13.81 -17.80
N ARG B 220 25.89 13.00 -17.23
CA ARG B 220 26.87 13.48 -16.28
C ARG B 220 28.03 14.24 -16.94
C ACA C 1 -28.93 -22.75 3.77
O ACA C 1 -28.63 -21.75 3.11
C2 ACA C 1 -27.85 -23.71 4.20
C3 ACA C 1 -27.09 -23.20 5.43
C4 ACA C 1 -26.02 -24.16 5.90
C5 ACA C 1 -24.69 -23.96 5.20
C6 ACA C 1 -23.79 -25.17 5.23
N ACA C 1 -22.55 -24.92 4.46
N CYS C 2 -30.20 -23.05 4.12
CA CYS C 2 -31.28 -22.09 3.91
C CYS C 2 -31.13 -21.01 4.99
N LYS C 3 -30.36 -19.99 4.65
CA LYS C 3 -29.97 -18.95 5.60
C LYS C 3 -30.36 -17.60 4.99
N ILE C 4 -31.19 -16.83 5.72
CA ILE C 4 -31.71 -15.55 5.23
C ILE C 4 -31.63 -14.45 6.28
N HIS C 5 -31.85 -13.22 5.83
CA HIS C 5 -31.86 -12.05 6.71
C HIS C 5 -33.01 -12.11 7.70
N ALA C 6 -32.78 -11.52 8.88
CA ALA C 6 -33.86 -11.12 9.78
C ALA C 6 -34.80 -10.16 8.99
C CIR C 7 -37.36 -8.28 8.64
O CIR C 7 -37.15 -7.95 9.81
CA CIR C 7 -37.09 -9.68 8.19
N CIR C 7 -36.11 -10.39 9.05
C3 CIR C 7 -38.40 -10.47 8.06
C4 CIR C 7 -38.17 -11.98 7.78
C5 CIR C 7 -39.41 -12.73 7.30
N6 CIR C 7 -39.32 -14.15 7.65
C7 CIR C 7 -40.34 -14.99 7.50
O7 CIR C 7 -41.41 -14.63 7.03
N8 CIR C 7 -40.15 -16.26 7.86
N PHE C 10 -33.12 -3.31 8.38
CA PHE C 10 -31.78 -2.80 8.07
C PHE C 10 -31.40 -1.51 8.81
N ASP C 11 -32.24 -1.01 9.71
CA ASP C 11 -31.90 0.23 10.45
C ASP C 11 -31.14 -0.02 11.78
N SER C 12 -30.76 -1.28 12.00
CA SER C 12 -29.88 -1.69 13.09
C SER C 12 -28.73 -2.52 12.50
C CIR C 13 -26.51 -4.92 13.88
O CIR C 13 -26.76 -4.76 15.08
CA CIR C 13 -26.65 -3.76 12.91
N CIR C 13 -27.78 -2.92 13.33
C3 CIR C 13 -25.28 -3.04 12.81
C4 CIR C 13 -25.24 -1.98 11.71
C5 CIR C 13 -23.85 -1.38 11.50
N6 CIR C 13 -22.94 -2.38 10.93
C7 CIR C 13 -21.63 -2.14 10.83
O7 CIR C 13 -21.15 -1.07 11.17
N8 CIR C 13 -20.85 -3.11 10.31
N GLY C 14 -26.12 -6.07 13.37
CA GLY C 14 -25.77 -7.22 14.20
C GLY C 14 -26.87 -8.24 14.43
N ASN C 15 -27.98 -8.09 13.73
CA ASN C 15 -29.11 -9.00 13.94
C ASN C 15 -28.69 -10.38 13.41
N PRO C 16 -28.95 -11.47 14.16
CA PRO C 16 -28.62 -12.80 13.61
C PRO C 16 -29.46 -13.15 12.38
N THR C 17 -28.88 -13.99 11.51
CA THR C 17 -29.60 -14.51 10.39
C THR C 17 -30.62 -15.55 10.93
N VAL C 18 -31.54 -15.97 10.08
CA VAL C 18 -32.51 -17.01 10.47
C VAL C 18 -32.58 -18.12 9.42
N GLU C 19 -33.16 -19.24 9.82
CA GLU C 19 -33.32 -20.38 8.93
C GLU C 19 -34.62 -20.29 8.15
N CYS C 20 -34.60 -20.80 6.93
CA CYS C 20 -35.81 -21.10 6.14
C CYS C 20 -35.92 -22.62 5.90
#